data_1RC2
#
_entry.id   1RC2
#
_cell.length_a   93.550
_cell.length_b   93.550
_cell.length_c   80.380
_cell.angle_alpha   90.00
_cell.angle_beta   90.00
_cell.angle_gamma   90.00
#
_symmetry.space_group_name_H-M   'P 4'
#
loop_
_entity.id
_entity.type
_entity.pdbx_description
1 polymer 'Aquaporin Z'
2 non-polymer 2-O-octyl-beta-D-glucopyranose
3 water water
#
_entity_poly.entity_id   1
_entity_poly.type   'polypeptide(L)'
_entity_poly.pdbx_seq_one_letter_code
;MFRKLAAECFGTFWLVFGGCGSAVLAAGFPELGIGFAGVALAFGLTVLTMAFAVGHISGGHFNPAVTIGLWAGGRFPAKE
VVGYVIAQVVGGIVAAALLYLIASGKTGFDAAASGFASNGYGEHSPGGYSMLSALVVELVLSAGFLLVIHGATDKFAPAG
FAPIAIGLALTLIHLISIPVTNTSVNPARSTAVAIFQGGWALEQLWFFWVVPIVGGIIGGLIYRTLLEKRD
;
_entity_poly.pdbx_strand_id   B,A
#
# COMPACT_ATOMS: atom_id res chain seq x y z
N MET A 1 -36.98 57.58 -5.08
CA MET A 1 -36.93 56.12 -5.37
C MET A 1 -38.29 55.44 -5.18
N PHE A 2 -39.14 56.05 -4.36
CA PHE A 2 -40.47 55.52 -4.11
C PHE A 2 -41.43 55.86 -5.24
N ARG A 3 -40.89 56.01 -6.45
CA ARG A 3 -41.66 56.34 -7.63
C ARG A 3 -41.01 55.73 -8.86
N LYS A 4 -39.69 55.64 -8.83
CA LYS A 4 -38.93 55.07 -9.94
C LYS A 4 -39.05 53.55 -9.95
N LEU A 5 -39.36 52.98 -8.80
CA LEU A 5 -39.50 51.54 -8.66
C LEU A 5 -40.88 51.09 -9.14
N ALA A 6 -41.88 51.95 -8.93
CA ALA A 6 -43.25 51.68 -9.34
C ALA A 6 -43.25 51.55 -10.86
N ALA A 7 -42.54 52.45 -11.52
CA ALA A 7 -42.42 52.45 -12.97
C ALA A 7 -41.72 51.18 -13.43
N GLU A 8 -40.77 50.71 -12.62
CA GLU A 8 -40.00 49.51 -12.93
C GLU A 8 -40.90 48.29 -12.87
N CYS A 9 -41.70 48.26 -11.81
CA CYS A 9 -42.64 47.18 -11.55
C CYS A 9 -43.74 47.13 -12.63
N PHE A 10 -44.33 48.28 -12.92
CA PHE A 10 -45.39 48.42 -13.89
C PHE A 10 -44.90 48.23 -15.32
N GLY A 11 -43.62 48.48 -15.55
CA GLY A 11 -43.06 48.32 -16.88
C GLY A 11 -42.79 46.87 -17.21
N THR A 12 -42.16 46.14 -16.28
CA THR A 12 -41.82 44.74 -16.50
C THR A 12 -43.07 43.86 -16.45
N PHE A 13 -44.10 44.40 -15.83
CA PHE A 13 -45.37 43.70 -15.77
C PHE A 13 -45.96 43.82 -17.19
N TRP A 14 -45.90 45.02 -17.75
CA TRP A 14 -46.42 45.28 -19.09
C TRP A 14 -45.73 44.38 -20.11
N LEU A 15 -44.41 44.34 -20.04
CA LEU A 15 -43.59 43.54 -20.93
C LEU A 15 -43.98 42.05 -20.86
N VAL A 16 -44.11 41.52 -19.66
CA VAL A 16 -44.47 40.12 -19.50
C VAL A 16 -45.90 39.85 -19.93
N PHE A 17 -46.83 40.58 -19.34
CA PHE A 17 -48.24 40.43 -19.67
C PHE A 17 -48.45 40.53 -21.19
N GLY A 18 -47.86 41.55 -21.81
CA GLY A 18 -48.03 41.73 -23.24
C GLY A 18 -47.28 40.76 -24.14
N GLY A 19 -45.95 40.71 -23.96
CA GLY A 19 -45.13 39.83 -24.76
C GLY A 19 -45.51 38.38 -24.56
N CYS A 20 -45.50 37.91 -23.33
CA CYS A 20 -45.85 36.52 -23.10
C CYS A 20 -47.35 36.29 -23.31
N GLY A 21 -48.17 37.28 -23.00
CA GLY A 21 -49.59 37.12 -23.23
C GLY A 21 -49.88 36.84 -24.70
N SER A 22 -49.25 37.60 -25.59
CA SER A 22 -49.48 37.38 -27.02
C SER A 22 -48.99 35.98 -27.37
N ALA A 23 -47.90 35.56 -26.75
CA ALA A 23 -47.34 34.22 -27.01
C ALA A 23 -48.30 33.09 -26.61
N VAL A 24 -48.87 33.16 -25.42
CA VAL A 24 -49.74 32.08 -25.00
C VAL A 24 -51.19 32.24 -25.46
N LEU A 25 -51.64 33.46 -25.70
CA LEU A 25 -53.04 33.64 -26.12
C LEU A 25 -53.30 33.70 -27.63
N ALA A 26 -52.42 34.34 -28.39
CA ALA A 26 -52.66 34.48 -29.82
C ALA A 26 -51.60 34.04 -30.83
N ALA A 27 -50.43 33.62 -30.37
CA ALA A 27 -49.38 33.20 -31.32
C ALA A 27 -49.83 32.05 -32.21
N GLY A 28 -50.35 31.01 -31.58
CA GLY A 28 -50.78 29.86 -32.36
C GLY A 28 -52.25 29.76 -32.69
N PHE A 29 -53.02 30.82 -32.50
CA PHE A 29 -54.44 30.75 -32.81
C PHE A 29 -54.66 30.24 -34.23
N PRO A 30 -55.60 29.30 -34.40
CA PRO A 30 -55.91 28.72 -35.72
C PRO A 30 -56.19 29.74 -36.82
N GLU A 31 -55.48 29.55 -37.94
CA GLU A 31 -55.57 30.36 -39.15
C GLU A 31 -55.27 31.85 -38.97
N LEU A 32 -55.86 32.49 -37.98
CA LEU A 32 -55.68 33.92 -37.78
C LEU A 32 -54.60 34.30 -36.78
N GLY A 33 -53.88 33.30 -36.27
CA GLY A 33 -52.81 33.51 -35.28
C GLY A 33 -51.72 34.49 -35.66
N ILE A 34 -51.10 35.14 -34.69
CA ILE A 34 -50.06 36.12 -35.03
C ILE A 34 -48.67 35.56 -35.26
N GLY A 35 -48.45 34.32 -34.86
CA GLY A 35 -47.13 33.71 -35.03
C GLY A 35 -46.01 34.43 -34.30
N PHE A 36 -44.79 34.03 -34.62
CA PHE A 36 -43.56 34.59 -34.06
C PHE A 36 -43.40 36.06 -34.41
N ALA A 37 -43.72 36.42 -35.66
CA ALA A 37 -43.59 37.80 -36.06
C ALA A 37 -44.52 38.67 -35.22
N GLY A 38 -45.67 38.12 -34.83
CA GLY A 38 -46.62 38.86 -34.01
C GLY A 38 -46.17 39.02 -32.56
N VAL A 39 -45.65 37.95 -31.98
CA VAL A 39 -45.15 37.95 -30.62
C VAL A 39 -43.92 38.87 -30.59
N ALA A 40 -43.07 38.78 -31.60
CA ALA A 40 -41.89 39.62 -31.68
C ALA A 40 -42.28 41.09 -31.68
N LEU A 41 -43.35 41.44 -32.42
CA LEU A 41 -43.79 42.84 -32.45
C LEU A 41 -44.32 43.23 -31.07
N ALA A 42 -45.12 42.35 -30.46
CA ALA A 42 -45.68 42.64 -29.14
C ALA A 42 -44.58 42.96 -28.13
N PHE A 43 -43.66 42.03 -27.91
CA PHE A 43 -42.57 42.29 -26.98
C PHE A 43 -41.94 43.67 -27.23
N GLY A 44 -41.49 43.92 -28.46
CA GLY A 44 -40.90 45.22 -28.74
C GLY A 44 -41.80 46.39 -28.37
N LEU A 45 -43.09 46.28 -28.65
CA LEU A 45 -44.01 47.37 -28.36
C LEU A 45 -44.29 47.59 -26.87
N THR A 46 -44.19 46.55 -26.05
CA THR A 46 -44.41 46.74 -24.61
C THR A 46 -43.31 47.69 -24.10
N VAL A 47 -42.09 47.48 -24.58
CA VAL A 47 -40.94 48.28 -24.19
C VAL A 47 -41.05 49.70 -24.75
N LEU A 48 -41.47 49.81 -26.00
CA LEU A 48 -41.58 51.11 -26.60
C LEU A 48 -42.66 52.00 -25.97
N THR A 49 -43.82 51.44 -25.66
CA THR A 49 -44.92 52.21 -25.06
C THR A 49 -44.64 52.56 -23.60
N MET A 50 -43.95 51.68 -22.89
CA MET A 50 -43.61 51.95 -21.50
C MET A 50 -42.37 52.85 -21.39
N ALA A 51 -41.47 52.78 -22.37
CA ALA A 51 -40.28 53.60 -22.33
C ALA A 51 -40.69 55.05 -22.53
N PHE A 52 -41.81 55.27 -23.23
CA PHE A 52 -42.32 56.61 -23.47
C PHE A 52 -43.18 57.09 -22.32
N ALA A 53 -43.91 56.15 -21.72
CA ALA A 53 -44.82 56.43 -20.61
C ALA A 53 -44.12 56.60 -19.26
N VAL A 54 -43.15 55.75 -18.94
CA VAL A 54 -42.44 55.85 -17.67
C VAL A 54 -40.93 55.82 -17.80
N GLY A 55 -40.41 56.27 -18.94
CA GLY A 55 -38.97 56.27 -19.13
C GLY A 55 -38.37 57.50 -18.52
N HIS A 56 -39.11 58.60 -18.56
CA HIS A 56 -38.66 59.87 -18.00
C HIS A 56 -38.82 59.86 -16.48
N ILE A 57 -38.78 58.67 -15.91
CA ILE A 57 -38.93 58.50 -14.48
C ILE A 57 -37.86 57.55 -13.95
N SER A 58 -37.81 56.35 -14.52
CA SER A 58 -36.85 55.35 -14.07
C SER A 58 -35.78 55.06 -15.11
N GLY A 59 -36.01 55.51 -16.33
CA GLY A 59 -35.05 55.26 -17.40
C GLY A 59 -35.48 54.15 -18.33
N GLY A 60 -36.57 53.45 -17.98
CA GLY A 60 -37.08 52.39 -18.83
C GLY A 60 -36.18 51.18 -19.06
N HIS A 61 -35.93 50.41 -18.01
CA HIS A 61 -35.08 49.23 -18.11
C HIS A 61 -35.98 48.01 -18.34
N PHE A 62 -36.84 47.76 -17.35
CA PHE A 62 -37.79 46.64 -17.37
C PHE A 62 -37.05 45.34 -17.62
N ASN A 63 -35.75 45.37 -17.37
CA ASN A 63 -34.90 44.22 -17.60
C ASN A 63 -33.65 44.25 -16.71
N PRO A 64 -33.44 43.20 -15.89
CA PRO A 64 -32.28 43.13 -15.01
C PRO A 64 -30.97 43.18 -15.79
N ALA A 65 -30.99 42.60 -16.98
CA ALA A 65 -29.78 42.59 -17.82
C ALA A 65 -29.48 44.00 -18.32
N VAL A 66 -30.52 44.82 -18.45
CA VAL A 66 -30.37 46.19 -18.91
C VAL A 66 -29.86 47.08 -17.77
N THR A 67 -30.41 46.88 -16.59
CA THR A 67 -30.02 47.63 -15.41
C THR A 67 -28.53 47.39 -15.14
N ILE A 68 -28.18 46.14 -14.87
CA ILE A 68 -26.81 45.71 -14.60
C ILE A 68 -25.91 46.00 -15.80
N GLY A 69 -26.52 46.26 -16.95
CA GLY A 69 -25.76 46.54 -18.16
C GLY A 69 -25.43 48.02 -18.24
N LEU A 70 -26.31 48.85 -17.70
CA LEU A 70 -26.11 50.30 -17.69
C LEU A 70 -25.11 50.65 -16.60
N TRP A 71 -24.94 49.73 -15.66
CA TRP A 71 -24.00 49.90 -14.57
C TRP A 71 -22.59 49.63 -15.09
N ALA A 72 -22.41 48.52 -15.80
CA ALA A 72 -21.11 48.15 -16.35
C ALA A 72 -20.64 49.22 -17.34
N GLY A 73 -21.55 49.69 -18.18
CA GLY A 73 -21.18 50.72 -19.15
C GLY A 73 -20.93 52.03 -18.44
N GLY A 74 -21.14 52.05 -17.14
CA GLY A 74 -20.91 53.26 -16.36
C GLY A 74 -21.93 54.33 -16.63
N ARG A 75 -23.20 54.04 -16.35
CA ARG A 75 -24.26 54.99 -16.58
C ARG A 75 -25.37 54.81 -15.56
N PHE A 76 -25.25 53.76 -14.74
CA PHE A 76 -26.26 53.49 -13.72
C PHE A 76 -25.60 53.13 -12.39
N PRO A 77 -25.83 53.96 -11.35
CA PRO A 77 -25.29 53.79 -9.99
C PRO A 77 -25.51 52.40 -9.39
N ALA A 78 -24.68 52.05 -8.40
CA ALA A 78 -24.80 50.75 -7.75
C ALA A 78 -25.81 50.75 -6.61
N LYS A 79 -26.19 49.55 -6.18
CA LYS A 79 -27.15 49.35 -5.10
C LYS A 79 -28.56 49.76 -5.51
N GLU A 80 -28.66 50.76 -6.38
CA GLU A 80 -29.97 51.16 -6.88
C GLU A 80 -30.36 50.00 -7.79
N VAL A 81 -29.34 49.30 -8.27
CA VAL A 81 -29.52 48.15 -9.13
C VAL A 81 -30.44 47.12 -8.47
N VAL A 82 -30.09 46.74 -7.25
CA VAL A 82 -30.87 45.76 -6.50
C VAL A 82 -32.33 46.19 -6.38
N GLY A 83 -32.55 47.49 -6.17
CA GLY A 83 -33.90 47.99 -6.06
C GLY A 83 -34.69 47.74 -7.33
N TYR A 84 -34.04 47.99 -8.47
CA TYR A 84 -34.66 47.80 -9.78
C TYR A 84 -34.86 46.32 -10.08
N VAL A 85 -33.80 45.54 -9.96
CA VAL A 85 -33.89 44.12 -10.26
C VAL A 85 -35.02 43.39 -9.54
N ILE A 86 -35.28 43.76 -8.29
CA ILE A 86 -36.34 43.15 -7.50
C ILE A 86 -37.72 43.61 -7.97
N ALA A 87 -37.86 44.90 -8.26
CA ALA A 87 -39.13 45.44 -8.73
C ALA A 87 -39.47 44.84 -10.09
N GLN A 88 -38.43 44.52 -10.85
CA GLN A 88 -38.60 43.94 -12.18
C GLN A 88 -39.09 42.49 -12.06
N VAL A 89 -38.50 41.72 -11.16
CA VAL A 89 -38.92 40.35 -11.00
C VAL A 89 -40.35 40.27 -10.46
N VAL A 90 -40.69 41.17 -9.53
CA VAL A 90 -42.03 41.17 -8.94
C VAL A 90 -43.07 41.47 -10.01
N GLY A 91 -42.91 42.59 -10.70
CA GLY A 91 -43.83 42.99 -11.76
C GLY A 91 -44.03 41.89 -12.79
N GLY A 92 -42.95 41.21 -13.16
CA GLY A 92 -43.07 40.13 -14.14
C GLY A 92 -43.91 38.98 -13.61
N ILE A 93 -43.62 38.57 -12.39
CA ILE A 93 -44.34 37.48 -11.73
C ILE A 93 -45.83 37.79 -11.53
N VAL A 94 -46.15 39.03 -11.16
CA VAL A 94 -47.54 39.39 -10.97
C VAL A 94 -48.25 39.16 -12.30
N ALA A 95 -47.72 39.77 -13.35
CA ALA A 95 -48.24 39.65 -14.72
C ALA A 95 -48.36 38.18 -15.12
N ALA A 96 -47.35 37.38 -14.80
CA ALA A 96 -47.41 35.98 -15.16
C ALA A 96 -48.57 35.30 -14.45
N ALA A 97 -48.89 35.77 -13.24
CA ALA A 97 -49.99 35.20 -12.46
C ALA A 97 -51.35 35.50 -13.07
N LEU A 98 -51.56 36.77 -13.43
CA LEU A 98 -52.81 37.17 -14.05
C LEU A 98 -52.95 36.49 -15.41
N LEU A 99 -51.83 36.32 -16.08
CA LEU A 99 -51.80 35.69 -17.40
C LEU A 99 -52.27 34.25 -17.28
N TYR A 100 -51.73 33.56 -16.29
CA TYR A 100 -52.07 32.18 -16.01
C TYR A 100 -53.57 32.08 -15.69
N LEU A 101 -54.08 33.08 -14.98
CA LEU A 101 -55.49 33.14 -14.61
C LEU A 101 -56.34 33.30 -15.87
N ILE A 102 -55.94 34.22 -16.74
CA ILE A 102 -56.65 34.46 -17.98
C ILE A 102 -56.63 33.24 -18.91
N ALA A 103 -55.46 32.63 -19.05
CA ALA A 103 -55.34 31.47 -19.92
C ALA A 103 -56.13 30.29 -19.39
N SER A 104 -56.42 30.31 -18.09
CA SER A 104 -57.16 29.22 -17.47
C SER A 104 -58.63 29.25 -17.81
N GLY A 105 -59.09 30.37 -18.37
CA GLY A 105 -60.48 30.49 -18.74
C GLY A 105 -60.82 29.78 -20.05
N LYS A 106 -59.87 29.01 -20.57
CA LYS A 106 -60.09 28.29 -21.82
C LYS A 106 -59.78 26.81 -21.66
N THR A 107 -60.78 25.97 -21.95
CA THR A 107 -60.66 24.53 -21.84
C THR A 107 -59.39 23.97 -22.48
N GLY A 108 -58.74 23.04 -21.79
CA GLY A 108 -57.52 22.43 -22.30
C GLY A 108 -56.22 23.13 -21.98
N PHE A 109 -56.28 24.24 -21.26
CA PHE A 109 -55.08 24.97 -20.90
C PHE A 109 -54.18 24.11 -20.01
N ASP A 110 -52.89 24.12 -20.29
CA ASP A 110 -51.89 23.36 -19.53
C ASP A 110 -50.52 24.02 -19.60
N ALA A 111 -50.24 24.89 -18.64
CA ALA A 111 -48.96 25.60 -18.57
C ALA A 111 -47.76 24.67 -18.47
N ALA A 112 -47.94 23.47 -17.95
CA ALA A 112 -46.80 22.57 -17.86
C ALA A 112 -46.48 22.01 -19.21
N ALA A 113 -47.48 21.39 -19.83
CA ALA A 113 -47.30 20.76 -21.13
C ALA A 113 -47.01 21.71 -22.29
N SER A 114 -47.63 22.90 -22.27
CA SER A 114 -47.47 23.87 -23.36
C SER A 114 -46.15 24.66 -23.27
N GLY A 115 -45.59 24.71 -22.07
CA GLY A 115 -44.35 25.44 -21.84
C GLY A 115 -44.62 26.79 -21.21
N PHE A 116 -45.80 27.35 -21.51
CA PHE A 116 -46.18 28.67 -21.00
C PHE A 116 -45.15 29.73 -21.40
N ALA A 117 -44.78 29.77 -22.69
CA ALA A 117 -43.82 30.75 -23.23
C ALA A 117 -42.46 30.80 -22.51
N SER A 118 -42.02 29.66 -21.99
CA SER A 118 -40.75 29.60 -21.28
C SER A 118 -39.55 29.48 -22.19
N ASN A 119 -38.44 30.07 -21.77
CA ASN A 119 -37.21 30.00 -22.53
C ASN A 119 -36.55 28.69 -22.17
N GLY A 120 -35.84 28.12 -23.13
CA GLY A 120 -35.17 26.86 -22.88
C GLY A 120 -34.27 26.50 -24.04
N TYR A 121 -33.40 25.51 -23.82
CA TYR A 121 -32.45 25.05 -24.82
C TYR A 121 -32.46 23.52 -24.97
N GLY A 122 -31.74 23.03 -25.98
CA GLY A 122 -31.70 21.59 -26.20
C GLY A 122 -33.08 21.04 -26.48
N GLU A 123 -33.48 20.06 -25.67
CA GLU A 123 -34.78 19.43 -25.82
C GLU A 123 -35.92 20.40 -25.53
N HIS A 124 -35.62 21.56 -24.95
CA HIS A 124 -36.66 22.53 -24.65
C HIS A 124 -36.55 23.78 -25.52
N SER A 125 -35.79 23.66 -26.59
CA SER A 125 -35.62 24.73 -27.56
C SER A 125 -36.71 24.51 -28.62
N PRO A 126 -37.42 25.58 -29.02
CA PRO A 126 -38.48 25.51 -30.04
C PRO A 126 -38.02 24.81 -31.32
N GLY A 127 -36.85 25.23 -31.80
CA GLY A 127 -36.30 24.63 -33.01
C GLY A 127 -35.32 23.50 -32.74
N GLY A 128 -35.27 23.06 -31.49
CA GLY A 128 -34.37 21.99 -31.12
C GLY A 128 -32.89 22.30 -31.28
N TYR A 129 -32.47 23.51 -30.89
CA TYR A 129 -31.06 23.91 -30.99
C TYR A 129 -30.26 23.54 -29.76
N SER A 130 -28.98 23.21 -29.98
CA SER A 130 -28.07 22.83 -28.91
C SER A 130 -27.88 23.96 -27.92
N MET A 131 -27.39 23.60 -26.72
CA MET A 131 -27.13 24.55 -25.66
C MET A 131 -26.10 25.59 -26.13
N LEU A 132 -25.17 25.17 -26.99
CA LEU A 132 -24.15 26.06 -27.53
C LEU A 132 -24.85 27.16 -28.31
N SER A 133 -25.66 26.75 -29.29
CA SER A 133 -26.43 27.71 -30.09
C SER A 133 -27.15 28.69 -29.18
N ALA A 134 -27.80 28.18 -28.12
CA ALA A 134 -28.52 29.05 -27.20
C ALA A 134 -27.61 30.08 -26.54
N LEU A 135 -26.42 29.63 -26.13
CA LEU A 135 -25.43 30.50 -25.50
C LEU A 135 -24.98 31.61 -26.44
N VAL A 136 -24.57 31.25 -27.64
CA VAL A 136 -24.11 32.25 -28.59
C VAL A 136 -25.14 33.32 -28.94
N VAL A 137 -26.30 32.89 -29.43
CA VAL A 137 -27.31 33.86 -29.82
C VAL A 137 -27.77 34.72 -28.65
N GLU A 138 -28.01 34.10 -27.50
CA GLU A 138 -28.46 34.83 -26.32
C GLU A 138 -27.44 35.88 -25.88
N LEU A 139 -26.17 35.52 -25.94
CA LEU A 139 -25.07 36.42 -25.55
C LEU A 139 -24.93 37.61 -26.52
N VAL A 140 -24.74 37.28 -27.81
CA VAL A 140 -24.58 38.27 -28.88
C VAL A 140 -25.78 39.24 -28.91
N LEU A 141 -26.97 38.68 -28.94
CA LEU A 141 -28.17 39.50 -28.98
C LEU A 141 -28.29 40.37 -27.73
N SER A 142 -27.90 39.81 -26.59
CA SER A 142 -27.95 40.54 -25.33
C SER A 142 -26.90 41.66 -25.35
N ALA A 143 -25.72 41.35 -25.87
CA ALA A 143 -24.67 42.35 -25.95
C ALA A 143 -25.08 43.47 -26.90
N GLY A 144 -25.63 43.09 -28.05
CA GLY A 144 -26.06 44.09 -29.03
C GLY A 144 -27.20 44.93 -28.49
N PHE A 145 -28.12 44.30 -27.77
CA PHE A 145 -29.24 45.02 -27.19
C PHE A 145 -28.73 46.17 -26.36
N LEU A 146 -27.88 45.88 -25.37
CA LEU A 146 -27.34 46.94 -24.51
C LEU A 146 -26.45 47.91 -25.26
N LEU A 147 -25.85 47.45 -26.33
CA LEU A 147 -25.01 48.33 -27.12
C LEU A 147 -25.94 49.39 -27.76
N VAL A 148 -27.11 48.97 -28.23
CA VAL A 148 -28.08 49.89 -28.84
C VAL A 148 -28.68 50.81 -27.78
N ILE A 149 -28.97 50.26 -26.62
CA ILE A 149 -29.50 51.07 -25.54
C ILE A 149 -28.51 52.20 -25.21
N HIS A 150 -27.25 51.85 -25.02
CA HIS A 150 -26.23 52.84 -24.71
C HIS A 150 -26.09 53.93 -25.78
N GLY A 151 -25.97 53.53 -27.05
CA GLY A 151 -25.84 54.52 -28.11
C GLY A 151 -27.07 55.39 -28.26
N ALA A 152 -28.24 54.81 -28.01
CA ALA A 152 -29.50 55.53 -28.13
C ALA A 152 -29.75 56.46 -26.95
N THR A 153 -29.08 56.19 -25.83
CA THR A 153 -29.22 57.01 -24.63
C THR A 153 -28.10 58.05 -24.63
N ASP A 154 -27.15 57.88 -25.53
CA ASP A 154 -26.02 58.81 -25.65
C ASP A 154 -26.58 60.21 -25.89
N LYS A 155 -25.86 61.22 -25.45
CA LYS A 155 -26.31 62.60 -25.62
C LYS A 155 -25.82 63.25 -26.90
N PHE A 156 -25.94 62.55 -28.03
CA PHE A 156 -25.48 63.10 -29.30
C PHE A 156 -26.32 62.82 -30.55
N ALA A 157 -27.58 62.44 -30.41
CA ALA A 157 -28.41 62.18 -31.59
C ALA A 157 -29.90 61.93 -31.35
N PRO A 158 -30.25 60.90 -30.57
CA PRO A 158 -31.65 60.59 -30.30
C PRO A 158 -32.51 61.82 -29.97
N ALA A 159 -32.62 62.12 -28.68
CA ALA A 159 -33.41 63.26 -28.22
C ALA A 159 -34.89 62.92 -28.36
N GLY A 160 -35.35 61.94 -27.59
CA GLY A 160 -36.73 61.52 -27.62
C GLY A 160 -37.00 60.31 -28.51
N PHE A 161 -35.98 59.87 -29.24
CA PHE A 161 -36.08 58.75 -30.15
C PHE A 161 -35.67 57.41 -29.52
N ALA A 162 -35.03 57.47 -28.36
CA ALA A 162 -34.56 56.27 -27.68
C ALA A 162 -35.62 55.18 -27.53
N PRO A 163 -36.86 55.55 -27.17
CA PRO A 163 -37.92 54.56 -27.00
C PRO A 163 -38.18 53.71 -28.27
N ILE A 164 -38.06 54.35 -29.43
CA ILE A 164 -38.27 53.70 -30.72
C ILE A 164 -37.10 52.77 -31.05
N ALA A 165 -35.88 53.27 -30.87
CA ALA A 165 -34.70 52.47 -31.17
C ALA A 165 -34.60 51.25 -30.26
N ILE A 166 -34.94 51.43 -28.99
CA ILE A 166 -34.86 50.32 -28.02
C ILE A 166 -36.00 49.31 -28.21
N GLY A 167 -37.22 49.83 -28.38
CA GLY A 167 -38.36 48.96 -28.59
C GLY A 167 -38.25 48.11 -29.84
N LEU A 168 -37.87 48.71 -30.98
CA LEU A 168 -37.75 47.97 -32.24
C LEU A 168 -36.59 46.97 -32.18
N ALA A 169 -35.56 47.34 -31.41
CA ALA A 169 -34.39 46.48 -31.22
C ALA A 169 -34.82 45.19 -30.55
N LEU A 170 -35.72 45.29 -29.58
CA LEU A 170 -36.18 44.07 -28.92
C LEU A 170 -37.04 43.23 -29.89
N THR A 171 -37.82 43.89 -30.74
CA THR A 171 -38.64 43.20 -31.74
C THR A 171 -37.72 42.38 -32.66
N LEU A 172 -36.70 43.06 -33.18
CA LEU A 172 -35.72 42.44 -34.07
C LEU A 172 -35.11 41.21 -33.41
N ILE A 173 -34.77 41.34 -32.12
CA ILE A 173 -34.19 40.25 -31.37
C ILE A 173 -35.06 39.01 -31.30
N HIS A 174 -36.37 39.20 -31.26
CA HIS A 174 -37.27 38.05 -31.25
C HIS A 174 -37.48 37.44 -32.64
N LEU A 175 -37.32 38.25 -33.70
CA LEU A 175 -37.49 37.76 -35.07
C LEU A 175 -36.34 36.80 -35.37
N ILE A 176 -35.25 36.94 -34.64
CA ILE A 176 -34.10 36.08 -34.86
C ILE A 176 -34.05 34.86 -33.94
N SER A 177 -34.13 35.10 -32.63
CA SER A 177 -33.96 34.06 -31.63
C SER A 177 -35.09 33.22 -31.06
N ILE A 178 -36.33 33.48 -31.46
CA ILE A 178 -37.41 32.68 -30.92
C ILE A 178 -37.22 31.20 -31.25
N PRO A 179 -36.86 30.88 -32.50
CA PRO A 179 -36.67 29.46 -32.81
C PRO A 179 -35.58 28.78 -31.98
N VAL A 180 -34.65 29.56 -31.44
CA VAL A 180 -33.54 29.01 -30.68
C VAL A 180 -33.83 28.79 -29.20
N THR A 181 -34.12 29.87 -28.49
CA THR A 181 -34.40 29.80 -27.06
C THR A 181 -35.77 30.33 -26.72
N ASN A 182 -36.51 30.76 -27.76
CA ASN A 182 -37.82 31.35 -27.57
C ASN A 182 -37.56 32.80 -27.16
N THR A 183 -36.28 33.18 -27.18
CA THR A 183 -35.85 34.54 -26.85
C THR A 183 -36.08 34.98 -25.43
N SER A 184 -34.99 35.27 -24.71
CA SER A 184 -35.09 35.74 -23.34
C SER A 184 -34.51 37.15 -23.20
N VAL A 185 -33.17 37.22 -23.19
CA VAL A 185 -32.41 38.46 -23.01
C VAL A 185 -33.00 39.33 -21.90
N ASN A 186 -33.73 38.69 -20.99
CA ASN A 186 -34.36 39.38 -19.88
C ASN A 186 -34.69 38.40 -18.75
N PRO A 187 -33.78 38.29 -17.76
CA PRO A 187 -33.94 37.38 -16.60
C PRO A 187 -35.32 37.50 -15.94
N ALA A 188 -35.83 38.72 -15.78
CA ALA A 188 -37.12 38.93 -15.15
C ALA A 188 -38.25 38.24 -15.91
N ARG A 189 -38.16 38.27 -17.24
CA ARG A 189 -39.16 37.65 -18.10
C ARG A 189 -39.07 36.13 -18.08
N SER A 190 -37.85 35.59 -18.00
CA SER A 190 -37.69 34.13 -17.96
C SER A 190 -38.17 33.53 -16.63
N THR A 191 -37.96 34.26 -15.54
CA THR A 191 -38.36 33.82 -14.21
C THR A 191 -39.86 33.86 -14.01
N ALA A 192 -40.45 34.96 -14.44
CA ALA A 192 -41.89 35.15 -14.30
C ALA A 192 -42.68 33.98 -14.86
N VAL A 193 -42.26 33.51 -16.03
CA VAL A 193 -42.94 32.42 -16.73
C VAL A 193 -42.49 30.99 -16.34
N ALA A 194 -41.23 30.84 -15.92
CA ALA A 194 -40.72 29.51 -15.51
C ALA A 194 -41.37 29.01 -14.23
N ILE A 195 -41.75 29.95 -13.36
CA ILE A 195 -42.39 29.61 -12.10
C ILE A 195 -43.72 28.89 -12.30
N PHE A 196 -44.51 29.36 -13.27
CA PHE A 196 -45.80 28.74 -13.53
C PHE A 196 -45.71 27.48 -14.39
N GLN A 197 -44.60 27.32 -15.09
CA GLN A 197 -44.41 26.11 -15.90
C GLN A 197 -43.98 25.05 -14.88
N GLY A 198 -43.34 25.53 -13.80
CA GLY A 198 -42.89 24.69 -12.69
C GLY A 198 -42.14 23.38 -12.91
N GLY A 199 -41.71 23.14 -14.15
CA GLY A 199 -40.99 21.92 -14.47
C GLY A 199 -39.59 22.18 -15.00
N TRP A 200 -39.34 21.77 -16.24
CA TRP A 200 -38.03 21.95 -16.86
C TRP A 200 -37.60 23.41 -16.93
N ALA A 201 -38.57 24.31 -17.09
CA ALA A 201 -38.27 25.73 -17.19
C ALA A 201 -37.51 26.20 -15.96
N LEU A 202 -37.95 25.74 -14.80
CA LEU A 202 -37.31 26.12 -13.55
C LEU A 202 -35.93 25.48 -13.38
N GLU A 203 -35.62 24.48 -14.21
CA GLU A 203 -34.33 23.80 -14.17
C GLU A 203 -33.30 24.49 -15.08
N GLN A 204 -33.76 25.20 -16.12
CA GLN A 204 -32.81 25.86 -17.00
C GLN A 204 -32.81 27.36 -16.74
N LEU A 205 -33.65 27.78 -15.79
CA LEU A 205 -33.78 29.18 -15.42
C LEU A 205 -32.43 29.87 -15.21
N TRP A 206 -31.52 29.19 -14.53
CA TRP A 206 -30.20 29.73 -14.21
C TRP A 206 -29.48 30.22 -15.47
N PHE A 207 -29.62 29.47 -16.54
CA PHE A 207 -28.99 29.81 -17.80
C PHE A 207 -29.43 31.18 -18.32
N PHE A 208 -30.72 31.49 -18.18
CA PHE A 208 -31.26 32.75 -18.66
C PHE A 208 -31.12 33.92 -17.68
N TRP A 209 -30.21 33.74 -16.74
CA TRP A 209 -29.87 34.77 -15.77
C TRP A 209 -28.43 35.14 -16.08
N VAL A 210 -27.57 34.14 -16.13
CA VAL A 210 -26.16 34.37 -16.39
C VAL A 210 -25.82 34.89 -17.79
N VAL A 211 -26.16 34.13 -18.82
CA VAL A 211 -25.85 34.55 -20.19
C VAL A 211 -26.44 35.92 -20.54
N PRO A 212 -27.73 36.13 -20.29
CA PRO A 212 -28.30 37.44 -20.61
C PRO A 212 -27.51 38.56 -19.91
N ILE A 213 -27.19 38.36 -18.63
CA ILE A 213 -26.43 39.34 -17.83
C ILE A 213 -24.98 39.52 -18.28
N VAL A 214 -24.28 38.42 -18.48
CA VAL A 214 -22.90 38.44 -18.94
C VAL A 214 -22.85 39.19 -20.28
N GLY A 215 -23.70 38.75 -21.21
CA GLY A 215 -23.75 39.38 -22.52
C GLY A 215 -24.08 40.85 -22.38
N GLY A 216 -24.98 41.16 -21.47
CA GLY A 216 -25.37 42.54 -21.24
C GLY A 216 -24.20 43.38 -20.73
N ILE A 217 -23.38 42.80 -19.86
CA ILE A 217 -22.22 43.50 -19.34
C ILE A 217 -21.20 43.72 -20.47
N ILE A 218 -21.00 42.69 -21.28
CA ILE A 218 -20.07 42.78 -22.39
C ILE A 218 -20.40 43.97 -23.30
N GLY A 219 -21.68 44.13 -23.61
CA GLY A 219 -22.12 45.22 -24.46
C GLY A 219 -21.99 46.59 -23.84
N GLY A 220 -22.06 46.62 -22.51
CA GLY A 220 -21.94 47.90 -21.80
C GLY A 220 -20.51 48.41 -21.79
N LEU A 221 -19.56 47.49 -21.73
CA LEU A 221 -18.15 47.86 -21.71
C LEU A 221 -17.66 48.14 -23.14
N ILE A 222 -18.26 47.47 -24.11
CA ILE A 222 -17.89 47.66 -25.51
C ILE A 222 -18.17 49.09 -25.98
N TYR A 223 -19.33 49.62 -25.61
CA TYR A 223 -19.69 50.98 -26.01
C TYR A 223 -18.94 51.99 -25.15
N ARG A 224 -18.67 51.62 -23.90
CA ARG A 224 -17.97 52.49 -22.97
C ARG A 224 -16.48 52.63 -23.32
N THR A 225 -15.81 51.49 -23.45
CA THR A 225 -14.39 51.50 -23.77
C THR A 225 -14.10 51.15 -25.21
N LEU A 226 -14.76 51.84 -26.14
CA LEU A 226 -14.57 51.61 -27.56
C LEU A 226 -15.37 52.57 -28.41
N LEU A 227 -16.47 53.09 -27.85
CA LEU A 227 -17.31 54.01 -28.60
C LEU A 227 -17.63 55.33 -27.89
N GLU A 228 -17.75 56.38 -28.68
CA GLU A 228 -18.06 57.73 -28.19
C GLU A 228 -17.34 58.23 -26.95
N LYS A 229 -17.88 59.32 -26.41
CA LYS A 229 -17.33 59.96 -25.21
C LYS A 229 -15.94 60.53 -25.50
N ARG A 230 -14.92 59.72 -25.27
CA ARG A 230 -13.53 60.13 -25.50
C ARG A 230 -13.15 61.29 -24.58
N ASP A 231 -13.47 62.51 -25.03
CA ASP A 231 -13.17 63.71 -24.26
C ASP A 231 -13.86 63.68 -22.89
N MET B 1 46.84 -20.86 15.58
CA MET B 1 45.60 -21.63 15.27
C MET B 1 45.91 -22.79 14.35
N PHE B 2 46.97 -22.63 13.56
CA PHE B 2 47.40 -23.67 12.64
C PHE B 2 48.04 -24.78 13.45
N ARG B 3 48.94 -24.40 14.34
CA ARG B 3 49.64 -25.34 15.20
C ARG B 3 48.63 -26.05 16.11
N LYS B 4 47.68 -25.28 16.64
CA LYS B 4 46.66 -25.86 17.51
C LYS B 4 45.85 -26.90 16.76
N LEU B 5 45.53 -26.61 15.50
CA LEU B 5 44.77 -27.54 14.68
C LEU B 5 45.61 -28.79 14.35
N ALA B 6 46.91 -28.59 14.13
CA ALA B 6 47.77 -29.73 13.84
C ALA B 6 47.84 -30.64 15.08
N ALA B 7 47.89 -30.01 16.25
CA ALA B 7 47.94 -30.71 17.52
C ALA B 7 46.70 -31.59 17.69
N GLU B 8 45.56 -30.99 17.39
CA GLU B 8 44.28 -31.66 17.49
C GLU B 8 44.17 -32.75 16.45
N CYS B 9 44.70 -32.47 15.27
CA CYS B 9 44.65 -33.42 14.19
C CYS B 9 45.49 -34.67 14.54
N PHE B 10 46.76 -34.45 14.89
CA PHE B 10 47.67 -35.55 15.27
C PHE B 10 47.17 -36.30 16.53
N GLY B 11 46.61 -35.56 17.48
CA GLY B 11 46.11 -36.19 18.67
C GLY B 11 45.03 -37.19 18.32
N THR B 12 43.97 -36.73 17.64
CA THR B 12 42.87 -37.62 17.28
C THR B 12 43.35 -38.77 16.41
N PHE B 13 44.42 -38.54 15.67
CA PHE B 13 44.98 -39.57 14.83
C PHE B 13 45.56 -40.63 15.76
N TRP B 14 46.23 -40.19 16.81
CA TRP B 14 46.83 -41.10 17.81
C TRP B 14 45.74 -41.90 18.50
N LEU B 15 44.70 -41.22 18.95
CA LEU B 15 43.60 -41.86 19.65
C LEU B 15 42.99 -42.99 18.82
N VAL B 16 42.64 -42.70 17.57
CA VAL B 16 42.05 -43.70 16.69
C VAL B 16 43.06 -44.79 16.34
N PHE B 17 44.27 -44.39 15.95
CA PHE B 17 45.29 -45.38 15.60
C PHE B 17 45.65 -46.25 16.80
N GLY B 18 45.76 -45.63 17.97
CA GLY B 18 46.09 -46.36 19.18
C GLY B 18 44.92 -47.16 19.73
N GLY B 19 43.81 -46.48 20.00
CA GLY B 19 42.66 -47.16 20.54
C GLY B 19 42.11 -48.26 19.64
N CYS B 20 41.66 -47.89 18.44
CA CYS B 20 41.09 -48.83 17.50
C CYS B 20 42.14 -49.85 17.03
N GLY B 21 43.37 -49.36 16.86
CA GLY B 21 44.44 -50.22 16.42
C GLY B 21 44.63 -51.42 17.33
N SER B 22 44.70 -51.21 18.63
CA SER B 22 44.89 -52.35 19.53
C SER B 22 43.72 -53.30 19.40
N ALA B 23 42.51 -52.75 19.31
CA ALA B 23 41.31 -53.56 19.20
C ALA B 23 41.34 -54.50 18.00
N VAL B 24 41.48 -53.94 16.80
CA VAL B 24 41.49 -54.78 15.62
C VAL B 24 42.79 -55.57 15.46
N LEU B 25 43.80 -55.25 16.23
CA LEU B 25 45.07 -55.96 16.09
C LEU B 25 45.39 -56.98 17.19
N ALA B 26 45.29 -56.55 18.45
CA ALA B 26 45.62 -57.41 19.59
C ALA B 26 44.48 -57.80 20.55
N ALA B 27 43.31 -57.20 20.41
CA ALA B 27 42.21 -57.54 21.31
C ALA B 27 42.01 -59.06 21.39
N GLY B 28 41.99 -59.70 20.21
CA GLY B 28 41.82 -61.13 20.15
C GLY B 28 43.07 -61.77 19.57
N PHE B 29 43.47 -62.91 20.11
CA PHE B 29 44.65 -63.59 19.65
C PHE B 29 44.61 -64.98 20.25
N PRO B 30 45.19 -65.96 19.55
CA PRO B 30 45.22 -67.35 20.01
C PRO B 30 45.08 -67.55 21.52
N GLU B 31 45.94 -66.90 22.29
CA GLU B 31 45.87 -67.06 23.74
C GLU B 31 46.73 -66.02 24.44
N LEU B 32 46.89 -64.87 23.80
CA LEU B 32 47.70 -63.79 24.37
C LEU B 32 47.06 -62.42 24.14
N GLY B 33 45.89 -62.42 23.49
CA GLY B 33 45.17 -61.20 23.20
C GLY B 33 45.01 -60.30 24.40
N ILE B 34 44.85 -59.01 24.17
CA ILE B 34 44.73 -58.09 25.28
C ILE B 34 43.31 -57.96 25.83
N GLY B 35 42.34 -58.50 25.11
CA GLY B 35 40.96 -58.43 25.54
C GLY B 35 40.42 -57.02 25.58
N PHE B 36 39.32 -56.82 26.29
CA PHE B 36 38.70 -55.50 26.42
C PHE B 36 39.46 -54.61 27.40
N ALA B 37 40.08 -55.20 28.41
CA ALA B 37 40.83 -54.40 29.37
C ALA B 37 42.01 -53.75 28.67
N GLY B 38 42.70 -54.52 27.83
CA GLY B 38 43.84 -54.01 27.10
C GLY B 38 43.46 -52.89 26.18
N VAL B 39 42.32 -53.01 25.50
CA VAL B 39 41.86 -51.96 24.59
C VAL B 39 41.50 -50.73 25.41
N ALA B 40 40.82 -50.91 26.54
CA ALA B 40 40.45 -49.77 27.40
C ALA B 40 41.69 -49.03 27.91
N LEU B 41 42.75 -49.78 28.19
CA LEU B 41 43.96 -49.12 28.64
C LEU B 41 44.54 -48.33 27.47
N ALA B 42 44.57 -48.93 26.27
CA ALA B 42 45.12 -48.23 25.11
C ALA B 42 44.44 -46.88 24.83
N PHE B 43 43.12 -46.90 24.72
CA PHE B 43 42.37 -45.68 24.47
C PHE B 43 42.73 -44.59 25.50
N GLY B 44 42.81 -44.96 26.78
CA GLY B 44 43.14 -44.00 27.81
C GLY B 44 44.56 -43.49 27.64
N LEU B 45 45.45 -44.38 27.23
CA LEU B 45 46.84 -44.02 27.04
C LEU B 45 47.05 -43.08 25.85
N THR B 46 46.31 -43.24 24.75
CA THR B 46 46.54 -42.31 23.64
C THR B 46 46.20 -40.89 24.09
N VAL B 47 45.12 -40.75 24.88
CA VAL B 47 44.71 -39.42 25.36
C VAL B 47 45.65 -38.85 26.41
N LEU B 48 46.13 -39.71 27.32
CA LEU B 48 47.03 -39.27 28.38
C LEU B 48 48.38 -38.80 27.82
N THR B 49 48.99 -39.61 26.95
CA THR B 49 50.28 -39.27 26.35
C THR B 49 50.17 -38.06 25.39
N MET B 50 49.13 -38.01 24.58
CA MET B 50 49.01 -36.88 23.67
C MET B 50 48.56 -35.63 24.43
N ALA B 51 47.77 -35.81 25.50
CA ALA B 51 47.36 -34.65 26.29
C ALA B 51 48.60 -34.04 26.96
N PHE B 52 49.60 -34.87 27.27
CA PHE B 52 50.86 -34.38 27.86
C PHE B 52 51.75 -33.76 26.78
N ALA B 53 51.72 -34.36 25.59
CA ALA B 53 52.53 -33.91 24.46
C ALA B 53 52.14 -32.56 23.84
N VAL B 54 50.87 -32.39 23.52
CA VAL B 54 50.41 -31.16 22.88
C VAL B 54 49.20 -30.49 23.51
N GLY B 55 48.89 -30.86 24.73
CA GLY B 55 47.76 -30.26 25.39
C GLY B 55 48.11 -28.83 25.74
N HIS B 56 49.40 -28.53 25.87
CA HIS B 56 49.84 -27.17 26.19
C HIS B 56 49.77 -26.31 24.94
N ILE B 57 49.45 -26.95 23.82
CA ILE B 57 49.33 -26.26 22.55
C ILE B 57 47.87 -25.96 22.18
N SER B 58 47.05 -26.99 22.05
CA SER B 58 45.65 -26.78 21.66
C SER B 58 44.63 -26.90 22.77
N GLY B 59 44.98 -27.63 23.82
CA GLY B 59 44.06 -27.87 24.92
C GLY B 59 43.83 -29.37 24.99
N GLY B 60 44.27 -30.08 23.96
CA GLY B 60 44.13 -31.52 23.92
C GLY B 60 42.75 -32.12 24.08
N HIS B 61 41.84 -31.77 23.17
CA HIS B 61 40.47 -32.28 23.19
C HIS B 61 40.44 -33.63 22.47
N PHE B 62 40.89 -33.65 21.21
CA PHE B 62 40.93 -34.89 20.44
C PHE B 62 39.54 -35.49 20.32
N ASN B 63 38.52 -34.69 20.57
CA ASN B 63 37.16 -35.20 20.57
C ASN B 63 36.13 -34.09 20.39
N PRO B 64 35.35 -34.15 19.30
CA PRO B 64 34.32 -33.14 19.01
C PRO B 64 33.37 -32.93 20.21
N ALA B 65 33.02 -34.01 20.91
CA ALA B 65 32.15 -33.90 22.08
C ALA B 65 32.82 -33.13 23.22
N VAL B 66 34.15 -33.15 23.26
CA VAL B 66 34.89 -32.43 24.30
C VAL B 66 34.97 -30.92 24.00
N THR B 67 35.20 -30.58 22.74
CA THR B 67 35.28 -29.20 22.27
C THR B 67 33.92 -28.49 22.49
N ILE B 68 32.86 -29.12 22.00
CA ILE B 68 31.51 -28.59 22.11
C ILE B 68 31.10 -28.52 23.57
N GLY B 69 31.44 -29.57 24.32
CA GLY B 69 31.10 -29.62 25.74
C GLY B 69 31.84 -28.56 26.54
N LEU B 70 33.07 -28.25 26.14
CA LEU B 70 33.90 -27.24 26.80
C LEU B 70 33.37 -25.85 26.42
N TRP B 71 32.71 -25.78 25.27
CA TRP B 71 32.11 -24.56 24.79
C TRP B 71 30.91 -24.30 25.70
N ALA B 72 30.09 -25.32 25.92
CA ALA B 72 28.91 -25.22 26.77
C ALA B 72 29.23 -24.89 28.23
N GLY B 73 30.44 -25.24 28.65
CA GLY B 73 30.87 -24.96 30.02
C GLY B 73 31.48 -23.57 30.14
N GLY B 74 31.53 -22.86 29.01
CA GLY B 74 32.07 -21.51 28.99
C GLY B 74 33.58 -21.44 29.06
N ARG B 75 34.24 -22.48 28.56
CA ARG B 75 35.71 -22.55 28.58
C ARG B 75 36.31 -22.37 27.20
N PHE B 76 35.58 -22.76 26.16
CA PHE B 76 36.12 -22.67 24.81
C PHE B 76 35.29 -21.80 23.85
N PRO B 77 35.96 -20.94 23.06
CA PRO B 77 35.36 -20.01 22.08
C PRO B 77 34.58 -20.69 20.96
N ALA B 78 33.36 -20.22 20.70
CA ALA B 78 32.57 -20.84 19.65
C ALA B 78 33.16 -20.65 18.24
N LYS B 79 33.99 -19.63 18.05
CA LYS B 79 34.60 -19.36 16.74
C LYS B 79 35.79 -20.26 16.42
N GLU B 80 36.10 -21.20 17.31
CA GLU B 80 37.22 -22.11 17.07
C GLU B 80 36.72 -23.53 16.96
N VAL B 81 35.50 -23.75 17.42
CA VAL B 81 34.88 -25.08 17.40
C VAL B 81 34.92 -25.88 16.07
N VAL B 82 34.38 -25.33 14.99
CA VAL B 82 34.34 -26.04 13.71
C VAL B 82 35.75 -26.39 13.20
N GLY B 83 36.72 -25.55 13.50
CA GLY B 83 38.07 -25.82 13.07
C GLY B 83 38.62 -27.05 13.79
N TYR B 84 38.30 -27.17 15.07
CA TYR B 84 38.77 -28.31 15.85
C TYR B 84 38.07 -29.61 15.41
N VAL B 85 36.75 -29.56 15.34
CA VAL B 85 35.99 -30.74 14.95
C VAL B 85 36.46 -31.34 13.63
N ILE B 86 36.71 -30.48 12.65
CA ILE B 86 37.17 -30.93 11.34
C ILE B 86 38.59 -31.47 11.46
N ALA B 87 39.44 -30.74 12.19
CA ALA B 87 40.82 -31.17 12.38
C ALA B 87 40.88 -32.54 13.07
N GLN B 88 39.85 -32.83 13.87
CA GLN B 88 39.75 -34.08 14.60
C GLN B 88 39.21 -35.24 13.74
N VAL B 89 38.30 -34.94 12.83
CA VAL B 89 37.77 -35.98 11.96
C VAL B 89 38.84 -36.38 10.95
N VAL B 90 39.54 -35.39 10.39
CA VAL B 90 40.60 -35.65 9.42
C VAL B 90 41.66 -36.57 10.01
N GLY B 91 42.14 -36.21 11.20
CA GLY B 91 43.16 -37.01 11.87
C GLY B 91 42.65 -38.43 12.09
N GLY B 92 41.37 -38.54 12.41
CA GLY B 92 40.77 -39.86 12.62
C GLY B 92 40.81 -40.74 11.38
N ILE B 93 40.30 -40.22 10.24
CA ILE B 93 40.26 -40.94 8.95
C ILE B 93 41.64 -41.44 8.51
N VAL B 94 42.63 -40.55 8.53
CA VAL B 94 43.99 -40.94 8.14
C VAL B 94 44.46 -42.13 8.96
N ALA B 95 44.21 -42.08 10.26
CA ALA B 95 44.61 -43.17 11.14
C ALA B 95 43.88 -44.46 10.77
N ALA B 96 42.57 -44.34 10.57
CA ALA B 96 41.76 -45.50 10.19
C ALA B 96 42.25 -46.05 8.85
N ALA B 97 42.78 -45.18 7.99
CA ALA B 97 43.29 -45.59 6.69
C ALA B 97 44.59 -46.38 6.86
N LEU B 98 45.58 -45.79 7.54
CA LEU B 98 46.85 -46.48 7.75
C LEU B 98 46.59 -47.78 8.51
N LEU B 99 45.53 -47.82 9.30
CA LEU B 99 45.19 -49.00 10.07
C LEU B 99 44.59 -50.07 9.15
N TYR B 100 43.80 -49.63 8.18
CA TYR B 100 43.16 -50.52 7.22
C TYR B 100 44.26 -51.25 6.44
N LEU B 101 45.29 -50.51 6.07
CA LEU B 101 46.41 -51.04 5.33
C LEU B 101 47.14 -52.12 6.15
N ILE B 102 47.45 -51.80 7.41
CA ILE B 102 48.14 -52.72 8.29
C ILE B 102 47.31 -53.98 8.55
N ALA B 103 46.04 -53.79 8.88
CA ALA B 103 45.14 -54.91 9.14
C ALA B 103 45.00 -55.78 7.89
N SER B 104 45.01 -55.12 6.74
CA SER B 104 44.89 -55.78 5.44
C SER B 104 46.15 -56.56 5.06
N GLY B 105 47.17 -56.49 5.91
CA GLY B 105 48.39 -57.20 5.64
C GLY B 105 48.36 -58.60 6.22
N LYS B 106 47.22 -58.98 6.79
CA LYS B 106 47.07 -60.29 7.37
C LYS B 106 46.03 -61.09 6.61
N THR B 107 46.32 -62.37 6.39
CA THR B 107 45.41 -63.25 5.66
C THR B 107 44.10 -63.47 6.40
N GLY B 108 43.00 -63.12 5.74
CA GLY B 108 41.70 -63.30 6.35
C GLY B 108 41.09 -62.02 6.88
N PHE B 109 41.54 -60.88 6.36
CA PHE B 109 41.01 -59.61 6.81
C PHE B 109 39.82 -59.11 6.01
N ASP B 110 38.77 -58.74 6.73
CA ASP B 110 37.55 -58.22 6.13
C ASP B 110 37.08 -57.10 7.05
N ALA B 111 37.09 -55.87 6.55
CA ALA B 111 36.63 -54.74 7.35
C ALA B 111 35.25 -55.09 7.88
N ALA B 112 34.32 -55.30 6.97
CA ALA B 112 32.96 -55.68 7.35
C ALA B 112 33.01 -56.99 8.11
N ALA B 113 31.85 -57.48 8.52
CA ALA B 113 31.78 -58.72 9.27
C ALA B 113 32.36 -58.54 10.66
N SER B 114 33.68 -58.35 10.75
CA SER B 114 34.32 -58.16 12.05
C SER B 114 33.82 -56.86 12.65
N GLY B 115 33.67 -55.84 11.80
CA GLY B 115 33.19 -54.55 12.23
C GLY B 115 34.24 -53.45 12.24
N PHE B 116 35.51 -53.85 12.21
CA PHE B 116 36.61 -52.89 12.23
C PHE B 116 36.46 -51.96 13.45
N ALA B 117 36.14 -52.56 14.59
CA ALA B 117 35.98 -51.81 15.84
C ALA B 117 35.00 -50.65 15.73
N SER B 118 33.97 -50.83 14.92
CA SER B 118 32.94 -49.80 14.74
C SER B 118 31.96 -49.80 15.89
N ASN B 119 31.26 -48.69 16.07
CA ASN B 119 30.29 -48.55 17.14
C ASN B 119 28.87 -48.92 16.64
N GLY B 120 28.02 -49.38 17.55
CA GLY B 120 26.66 -49.74 17.17
C GLY B 120 25.82 -50.25 18.33
N TYR B 121 24.50 -50.07 18.26
CA TYR B 121 23.61 -50.51 19.32
C TYR B 121 22.87 -51.81 18.94
N GLY B 122 21.63 -51.94 19.44
CA GLY B 122 20.82 -53.12 19.16
C GLY B 122 21.27 -53.97 17.99
N GLU B 123 21.44 -55.27 18.23
CA GLU B 123 21.87 -56.22 17.21
C GLU B 123 23.31 -56.02 16.76
N HIS B 124 23.70 -54.76 16.54
CA HIS B 124 25.06 -54.44 16.12
C HIS B 124 25.93 -53.98 17.30
N SER B 125 25.73 -54.63 18.44
CA SER B 125 26.49 -54.33 19.64
C SER B 125 27.09 -55.64 20.13
N PRO B 126 28.33 -55.60 20.63
CA PRO B 126 29.01 -56.80 21.13
C PRO B 126 28.11 -57.73 21.95
N GLY B 127 27.56 -57.20 23.04
CA GLY B 127 26.70 -58.00 23.90
C GLY B 127 25.33 -58.25 23.31
N GLY B 128 24.72 -57.20 22.76
CA GLY B 128 23.41 -57.33 22.17
C GLY B 128 22.40 -56.44 22.87
N TYR B 129 22.92 -55.43 23.57
CA TYR B 129 22.09 -54.50 24.31
C TYR B 129 21.19 -53.68 23.38
N SER B 130 20.06 -53.24 23.91
CA SER B 130 19.11 -52.46 23.14
C SER B 130 19.67 -51.08 22.82
N MET B 131 18.99 -50.39 21.91
CA MET B 131 19.40 -49.05 21.52
C MET B 131 19.13 -48.08 22.66
N LEU B 132 18.24 -48.48 23.57
CA LEU B 132 17.89 -47.63 24.71
C LEU B 132 19.05 -47.67 25.71
N SER B 133 19.63 -48.85 25.86
CA SER B 133 20.75 -49.03 26.77
C SER B 133 21.90 -48.21 26.25
N ALA B 134 22.17 -48.33 24.95
CA ALA B 134 23.23 -47.58 24.30
C ALA B 134 23.06 -46.10 24.62
N LEU B 135 21.83 -45.62 24.59
CA LEU B 135 21.52 -44.22 24.87
C LEU B 135 21.85 -43.83 26.30
N VAL B 136 21.53 -44.71 27.25
CA VAL B 136 21.80 -44.45 28.67
C VAL B 136 23.32 -44.37 28.93
N VAL B 137 24.05 -45.46 28.70
CA VAL B 137 25.49 -45.46 28.92
C VAL B 137 26.22 -44.33 28.20
N GLU B 138 26.05 -44.25 26.89
CA GLU B 138 26.72 -43.23 26.10
C GLU B 138 26.38 -41.82 26.57
N LEU B 139 25.27 -41.66 27.27
CA LEU B 139 24.85 -40.35 27.73
C LEU B 139 25.56 -39.97 29.03
N VAL B 140 25.48 -40.85 30.01
CA VAL B 140 26.10 -40.62 31.31
C VAL B 140 27.62 -40.56 31.20
N LEU B 141 28.20 -41.46 30.41
CA LEU B 141 29.65 -41.48 30.26
C LEU B 141 30.19 -40.23 29.56
N SER B 142 29.46 -39.71 28.59
CA SER B 142 29.87 -38.49 27.89
C SER B 142 29.77 -37.28 28.84
N ALA B 143 28.72 -37.25 29.66
CA ALA B 143 28.57 -36.14 30.61
C ALA B 143 29.65 -36.28 31.67
N GLY B 144 29.88 -37.51 32.12
CA GLY B 144 30.89 -37.75 33.13
C GLY B 144 32.27 -37.41 32.60
N PHE B 145 32.52 -37.69 31.33
CA PHE B 145 33.81 -37.39 30.74
C PHE B 145 34.04 -35.88 30.73
N LEU B 146 32.98 -35.12 30.49
CA LEU B 146 33.09 -33.66 30.44
C LEU B 146 33.17 -33.05 31.84
N LEU B 147 32.55 -33.72 32.79
CA LEU B 147 32.58 -33.26 34.17
C LEU B 147 34.03 -33.40 34.69
N VAL B 148 34.66 -34.52 34.36
CA VAL B 148 36.03 -34.78 34.76
C VAL B 148 36.95 -33.76 34.08
N ILE B 149 36.79 -33.57 32.78
CA ILE B 149 37.61 -32.61 32.08
C ILE B 149 37.53 -31.19 32.69
N HIS B 150 36.30 -30.74 32.97
CA HIS B 150 36.09 -29.42 33.55
C HIS B 150 36.69 -29.28 34.94
N GLY B 151 36.38 -30.24 35.82
CA GLY B 151 36.92 -30.19 37.16
C GLY B 151 38.43 -30.33 37.23
N ALA B 152 38.98 -31.29 36.47
CA ALA B 152 40.42 -31.55 36.47
C ALA B 152 41.23 -30.40 35.89
N THR B 153 40.59 -29.57 35.07
CA THR B 153 41.27 -28.43 34.48
C THR B 153 40.82 -27.13 35.12
N ASP B 154 40.09 -27.24 36.21
CA ASP B 154 39.63 -26.07 36.96
C ASP B 154 40.87 -25.41 37.58
N LYS B 155 40.83 -24.10 37.71
CA LYS B 155 41.94 -23.33 38.27
C LYS B 155 42.24 -23.72 39.72
N PHE B 156 41.39 -24.54 40.33
CA PHE B 156 41.62 -24.93 41.71
C PHE B 156 42.09 -26.37 41.84
N ALA B 157 42.20 -27.05 40.71
CA ALA B 157 42.66 -28.44 40.70
C ALA B 157 44.19 -28.47 40.63
N PRO B 158 44.81 -29.61 40.97
CA PRO B 158 46.28 -29.70 40.91
C PRO B 158 46.78 -29.46 39.49
N ALA B 159 47.78 -28.60 39.37
CA ALA B 159 48.37 -28.25 38.08
C ALA B 159 49.26 -29.35 37.50
N GLY B 160 48.98 -29.74 36.25
CA GLY B 160 49.77 -30.75 35.57
C GLY B 160 49.24 -32.17 35.60
N PHE B 161 48.28 -32.43 36.48
CA PHE B 161 47.71 -33.76 36.63
C PHE B 161 46.52 -34.05 35.71
N ALA B 162 46.01 -33.01 35.04
CA ALA B 162 44.85 -33.17 34.16
C ALA B 162 44.96 -34.31 33.14
N PRO B 163 46.09 -34.43 32.44
CA PRO B 163 46.26 -35.51 31.45
C PRO B 163 46.02 -36.90 32.07
N ILE B 164 46.56 -37.13 33.26
CA ILE B 164 46.38 -38.41 33.96
C ILE B 164 44.89 -38.64 34.31
N ALA B 165 44.24 -37.60 34.80
CA ALA B 165 42.81 -37.70 35.17
C ALA B 165 41.90 -37.87 33.96
N ILE B 166 42.16 -37.13 32.89
CA ILE B 166 41.30 -37.26 31.73
C ILE B 166 41.57 -38.54 30.98
N GLY B 167 42.85 -38.88 30.83
CA GLY B 167 43.23 -40.09 30.13
C GLY B 167 42.68 -41.34 30.81
N LEU B 168 42.94 -41.46 32.12
CA LEU B 168 42.48 -42.62 32.87
C LEU B 168 40.96 -42.66 32.92
N ALA B 169 40.32 -41.49 32.79
CA ALA B 169 38.85 -41.42 32.81
C ALA B 169 38.30 -42.06 31.54
N LEU B 170 39.10 -42.08 30.46
CA LEU B 170 38.66 -42.69 29.21
C LEU B 170 38.83 -44.21 29.29
N THR B 171 39.87 -44.69 29.96
CA THR B 171 40.08 -46.12 30.14
C THR B 171 38.83 -46.65 30.86
N LEU B 172 38.52 -46.02 32.00
CA LEU B 172 37.35 -46.38 32.82
C LEU B 172 36.08 -46.48 31.99
N ILE B 173 35.79 -45.41 31.24
CA ILE B 173 34.60 -45.37 30.40
C ILE B 173 34.56 -46.56 29.43
N HIS B 174 35.72 -47.09 29.03
CA HIS B 174 35.77 -48.25 28.12
C HIS B 174 35.65 -49.56 28.86
N LEU B 175 36.05 -49.57 30.12
CA LEU B 175 35.96 -50.80 30.89
C LEU B 175 34.49 -51.07 31.17
N ILE B 176 33.66 -50.04 30.98
CA ILE B 176 32.23 -50.15 31.23
C ILE B 176 31.34 -50.39 30.03
N SER B 177 31.51 -49.55 29.01
CA SER B 177 30.65 -49.62 27.84
C SER B 177 31.05 -50.46 26.62
N ILE B 178 32.28 -50.96 26.56
CA ILE B 178 32.70 -51.76 25.41
C ILE B 178 31.69 -52.86 25.05
N PRO B 179 31.20 -53.61 26.04
CA PRO B 179 30.24 -54.68 25.73
C PRO B 179 28.93 -54.11 25.17
N VAL B 180 28.55 -52.93 25.62
CA VAL B 180 27.32 -52.28 25.19
C VAL B 180 27.42 -51.70 23.77
N THR B 181 28.00 -50.51 23.63
CA THR B 181 28.10 -49.87 22.31
C THR B 181 29.49 -49.94 21.72
N ASN B 182 30.35 -50.77 22.30
CA ASN B 182 31.75 -50.89 21.86
C ASN B 182 32.51 -49.62 22.27
N THR B 183 31.79 -48.73 22.96
CA THR B 183 32.31 -47.46 23.48
C THR B 183 32.72 -46.45 22.42
N SER B 184 32.02 -45.32 22.38
CA SER B 184 32.30 -44.24 21.43
C SER B 184 32.68 -42.96 22.17
N VAL B 185 31.67 -42.31 22.74
CA VAL B 185 31.83 -41.05 23.46
C VAL B 185 32.73 -40.09 22.68
N ASN B 186 32.96 -40.38 21.41
CA ASN B 186 33.80 -39.56 20.55
C ASN B 186 33.27 -39.64 19.09
N PRO B 187 32.51 -38.63 18.65
CA PRO B 187 31.96 -38.62 17.28
C PRO B 187 33.02 -38.86 16.19
N ALA B 188 34.18 -38.22 16.31
CA ALA B 188 35.25 -38.37 15.32
C ALA B 188 35.86 -39.76 15.26
N ARG B 189 35.78 -40.47 16.37
CA ARG B 189 36.32 -41.83 16.49
C ARG B 189 35.39 -42.84 15.82
N SER B 190 34.09 -42.65 16.01
CA SER B 190 33.08 -43.54 15.44
C SER B 190 33.05 -43.42 13.92
N THR B 191 33.10 -42.18 13.43
CA THR B 191 33.07 -41.94 11.99
C THR B 191 34.32 -42.43 11.28
N ALA B 192 35.47 -42.42 11.97
CA ALA B 192 36.74 -42.84 11.36
C ALA B 192 36.75 -44.31 10.92
N VAL B 193 36.16 -45.18 11.73
CA VAL B 193 36.11 -46.60 11.42
C VAL B 193 34.85 -46.99 10.63
N ALA B 194 33.78 -46.22 10.78
CA ALA B 194 32.53 -46.50 10.06
C ALA B 194 32.78 -46.45 8.55
N ILE B 195 33.51 -45.44 8.11
CA ILE B 195 33.83 -45.26 6.70
C ILE B 195 34.41 -46.53 6.09
N PHE B 196 35.49 -47.03 6.66
CA PHE B 196 36.14 -48.23 6.15
C PHE B 196 35.38 -49.51 6.47
N GLN B 197 34.34 -49.41 7.29
CA GLN B 197 33.56 -50.60 7.63
C GLN B 197 32.57 -50.83 6.49
N GLY B 198 32.08 -49.73 5.91
CA GLY B 198 31.14 -49.82 4.80
C GLY B 198 29.97 -50.73 5.08
N GLY B 199 28.94 -50.19 5.74
CA GLY B 199 27.77 -50.98 6.05
C GLY B 199 26.94 -50.40 7.17
N TRP B 200 26.50 -51.25 8.09
CA TRP B 200 25.69 -50.83 9.22
C TRP B 200 26.33 -49.70 10.02
N ALA B 201 27.65 -49.59 9.93
CA ALA B 201 28.38 -48.55 10.64
C ALA B 201 27.90 -47.17 10.23
N LEU B 202 27.59 -47.01 8.94
CA LEU B 202 27.13 -45.72 8.44
C LEU B 202 25.66 -45.43 8.73
N GLU B 203 24.87 -46.48 8.95
CA GLU B 203 23.44 -46.30 9.24
C GLU B 203 23.22 -45.89 10.69
N GLN B 204 24.15 -46.26 11.56
CA GLN B 204 24.03 -45.94 12.98
C GLN B 204 24.95 -44.79 13.38
N LEU B 205 25.93 -44.50 12.54
CA LEU B 205 26.92 -43.45 12.80
C LEU B 205 26.31 -42.15 13.30
N TRP B 206 25.08 -41.86 12.87
CA TRP B 206 24.39 -40.63 13.29
C TRP B 206 24.13 -40.67 14.80
N PHE B 207 23.91 -41.86 15.32
CA PHE B 207 23.65 -42.04 16.75
C PHE B 207 24.84 -41.60 17.62
N PHE B 208 26.04 -41.94 17.17
CA PHE B 208 27.27 -41.62 17.87
C PHE B 208 27.85 -40.25 17.56
N TRP B 209 26.98 -39.35 17.10
CA TRP B 209 27.37 -37.99 16.78
C TRP B 209 26.50 -37.07 17.60
N VAL B 210 25.27 -37.51 17.85
CA VAL B 210 24.30 -36.73 18.62
C VAL B 210 24.30 -37.02 20.13
N VAL B 211 24.28 -38.31 20.48
CA VAL B 211 24.26 -38.71 21.90
C VAL B 211 25.48 -38.21 22.69
N PRO B 212 26.71 -38.47 22.19
CA PRO B 212 27.92 -38.04 22.89
C PRO B 212 27.99 -36.51 23.09
N ILE B 213 27.57 -35.77 22.06
CA ILE B 213 27.56 -34.31 22.09
C ILE B 213 26.55 -33.80 23.10
N VAL B 214 25.37 -34.39 23.11
CA VAL B 214 24.36 -33.95 24.06
C VAL B 214 24.85 -34.16 25.48
N GLY B 215 25.43 -35.33 25.72
CA GLY B 215 25.96 -35.67 27.03
C GLY B 215 27.08 -34.73 27.44
N GLY B 216 27.98 -34.44 26.50
CA GLY B 216 29.08 -33.54 26.77
C GLY B 216 28.60 -32.16 27.19
N ILE B 217 27.57 -31.66 26.51
CA ILE B 217 27.01 -30.35 26.82
C ILE B 217 26.37 -30.36 28.20
N ILE B 218 25.68 -31.44 28.53
CA ILE B 218 25.04 -31.54 29.82
C ILE B 218 26.13 -31.52 30.88
N GLY B 219 27.23 -32.20 30.56
CA GLY B 219 28.39 -32.28 31.45
C GLY B 219 29.01 -30.91 31.65
N GLY B 220 29.28 -30.22 30.55
CA GLY B 220 29.82 -28.88 30.68
C GLY B 220 28.88 -27.99 31.49
N LEU B 221 27.57 -28.10 31.25
CA LEU B 221 26.59 -27.27 31.98
C LEU B 221 26.47 -27.60 33.47
N ILE B 222 26.41 -28.90 33.77
CA ILE B 222 26.30 -29.36 35.15
C ILE B 222 27.41 -28.74 35.98
N TYR B 223 28.64 -28.77 35.45
CA TYR B 223 29.78 -28.22 36.16
C TYR B 223 29.68 -26.69 36.20
N ARG B 224 29.52 -26.07 35.03
CA ARG B 224 29.40 -24.62 34.90
C ARG B 224 28.33 -24.03 35.81
N THR B 225 27.21 -24.74 35.94
CA THR B 225 26.11 -24.28 36.77
C THR B 225 26.23 -24.71 38.24
N LEU B 226 27.05 -25.72 38.49
CA LEU B 226 27.26 -26.23 39.85
C LEU B 226 28.74 -26.54 40.15
N LEU B 227 29.62 -25.57 39.97
CA LEU B 227 31.03 -25.76 40.25
C LEU B 227 31.42 -24.91 41.45
N GLU B 228 32.70 -24.59 41.57
CA GLU B 228 33.15 -23.77 42.69
C GLU B 228 33.37 -22.32 42.28
N LYS B 229 32.38 -21.77 41.57
CA LYS B 229 32.36 -20.38 41.13
C LYS B 229 33.62 -19.76 40.54
N ARG B 230 33.46 -18.52 40.11
CA ARG B 230 34.52 -17.71 39.51
C ARG B 230 34.35 -16.26 39.99
N ASP B 231 34.84 -15.98 41.20
CA ASP B 231 34.75 -14.64 41.79
C ASP B 231 35.76 -13.68 41.17
#